data_4GWR
#
_entry.id   4GWR
#
_cell.length_a   34.731
_cell.length_b   40.637
_cell.length_c   41.488
_cell.angle_alpha   93.43
_cell.angle_beta   112.66
_cell.angle_gamma   101.22
#
_symmetry.space_group_name_H-M   'P 1'
#
loop_
_entity.id
_entity.type
_entity.pdbx_description
1 polymer 'Protein disulfide-isomerase A6'
2 water water
#
_entity_poly.entity_id   1
_entity_poly.type   'polypeptide(L)'
_entity_poly.pdbx_seq_one_letter_code
;MHHHHHHMKDVIELTDDSFDKNVLDSEDVWMVEFYAPWCGHCKNLEPEWAAAASEVKEQTKGKVKLAAVDATVNQVLASR
YGIRGFPTIKIFQKGESPVDYDGGRTRSDIVSRALDLFSDNAP
;
_entity_poly.pdbx_strand_id   A,B
#
# COMPACT_ATOMS: atom_id res chain seq x y z
N ASP A 10 -5.70 -3.63 -22.97
CA ASP A 10 -7.14 -3.34 -22.65
C ASP A 10 -7.32 -3.32 -21.13
N VAL A 11 -8.26 -4.09 -20.60
CA VAL A 11 -8.47 -4.18 -19.15
C VAL A 11 -7.78 -5.44 -18.64
N ILE A 12 -6.84 -5.26 -17.73
CA ILE A 12 -6.12 -6.38 -17.14
C ILE A 12 -6.94 -6.97 -16.00
N GLU A 13 -7.16 -8.29 -16.01
CA GLU A 13 -7.82 -8.97 -14.88
C GLU A 13 -6.74 -9.38 -13.88
N LEU A 14 -6.89 -8.91 -12.64
CA LEU A 14 -5.93 -9.15 -11.56
C LEU A 14 -6.52 -10.09 -10.52
N THR A 15 -5.63 -10.72 -9.76
CA THR A 15 -6.03 -11.70 -8.75
C THR A 15 -5.21 -11.53 -7.46
N ASP A 16 -5.64 -12.24 -6.42
CA ASP A 16 -4.93 -12.26 -5.15
C ASP A 16 -3.44 -12.54 -5.38
N ASP A 17 -3.15 -13.44 -6.31
CA ASP A 17 -1.76 -13.88 -6.53
C ASP A 17 -0.96 -12.98 -7.43
N SER A 18 -1.64 -12.25 -8.32
CA SER A 18 -0.97 -11.45 -9.32
C SER A 18 -0.90 -9.97 -8.96
N PHE A 19 -1.75 -9.52 -8.05
CA PHE A 19 -1.90 -8.10 -7.77
C PHE A 19 -0.61 -7.37 -7.33
N ASP A 20 0.13 -7.92 -6.35
CA ASP A 20 1.22 -7.14 -5.74
C ASP A 20 2.37 -6.91 -6.71
N LYS A 21 2.70 -7.93 -7.50
CA LYS A 21 3.77 -7.74 -8.50
C LYS A 21 3.32 -6.85 -9.65
N ASN A 22 2.08 -7.01 -10.10
CA ASN A 22 1.57 -6.17 -11.18
C ASN A 22 1.45 -4.73 -10.76
N VAL A 23 0.81 -4.51 -9.61
CA VAL A 23 0.40 -3.17 -9.20
C VAL A 23 1.39 -2.50 -8.22
N LEU A 24 1.66 -3.14 -7.09
CA LEU A 24 2.43 -2.47 -6.06
C LEU A 24 3.87 -2.27 -6.45
N ASP A 25 4.41 -3.14 -7.30
CA ASP A 25 5.83 -3.10 -7.67
C ASP A 25 6.04 -2.37 -8.99
N SER A 26 5.00 -1.69 -9.46
CA SER A 26 4.95 -1.10 -10.80
C SER A 26 5.46 0.33 -10.78
N GLU A 27 6.05 0.77 -11.89
CA GLU A 27 6.27 2.20 -12.14
C GLU A 27 5.04 2.89 -12.79
N ASP A 28 3.98 2.12 -13.06
CA ASP A 28 2.78 2.67 -13.69
C ASP A 28 1.66 2.90 -12.63
N VAL A 29 0.71 3.77 -12.96
CA VAL A 29 -0.48 4.06 -12.13
C VAL A 29 -1.56 3.07 -12.57
N TRP A 30 -2.34 2.57 -11.62
CA TRP A 30 -3.34 1.57 -11.92
C TRP A 30 -4.71 2.06 -11.41
N MET A 31 -5.73 1.99 -12.27
CA MET A 31 -7.09 2.30 -11.86
C MET A 31 -7.79 0.97 -11.89
N VAL A 32 -8.31 0.53 -10.74
CA VAL A 32 -8.78 -0.87 -10.64
C VAL A 32 -10.22 -0.87 -10.21
N GLU A 33 -11.08 -1.51 -11.00
CA GLU A 33 -12.50 -1.65 -10.67
C GLU A 33 -12.65 -2.98 -9.96
N PHE A 34 -13.07 -2.92 -8.70
CA PHE A 34 -13.47 -4.13 -7.91
C PHE A 34 -14.95 -4.37 -8.14
N TYR A 35 -15.33 -5.57 -8.60
CA TYR A 35 -16.71 -5.83 -8.98
C TYR A 35 -17.18 -7.19 -8.45
N ALA A 36 -18.48 -7.42 -8.57
CA ALA A 36 -19.12 -8.72 -8.26
C ALA A 36 -19.83 -9.19 -9.53
N PRO A 37 -19.77 -10.48 -9.82
CA PRO A 37 -20.27 -10.91 -11.12
C PRO A 37 -21.81 -10.85 -11.30
N TRP A 38 -22.58 -10.69 -10.23
CA TRP A 38 -24.05 -10.59 -10.35
C TRP A 38 -24.54 -9.14 -10.41
N CYS A 39 -23.61 -8.20 -10.23
CA CYS A 39 -23.97 -6.81 -9.99
C CYS A 39 -24.25 -6.09 -11.31
N GLY A 40 -25.52 -5.79 -11.55
CA GLY A 40 -25.95 -5.10 -12.78
C GLY A 40 -25.23 -3.79 -13.11
N HIS A 41 -24.96 -2.96 -12.09
CA HIS A 41 -24.18 -1.71 -12.25
C HIS A 41 -22.76 -1.99 -12.77
N CYS A 42 -22.16 -3.09 -12.30
CA CYS A 42 -20.86 -3.55 -12.79
C CYS A 42 -20.96 -4.04 -14.25
N LYS A 43 -22.04 -4.75 -14.57
CA LYS A 43 -22.25 -5.22 -15.94
C LYS A 43 -22.45 -4.05 -16.92
N ASN A 44 -23.28 -3.08 -16.53
CA ASN A 44 -23.47 -1.82 -17.25
C ASN A 44 -22.18 -1.02 -17.47
N LEU A 45 -21.25 -1.09 -16.52
CA LEU A 45 -20.02 -0.31 -16.57
C LEU A 45 -18.96 -1.01 -17.44
N GLU A 46 -19.05 -2.34 -17.53
CA GLU A 46 -18.08 -3.15 -18.27
C GLU A 46 -17.68 -2.54 -19.64
N PRO A 47 -18.67 -2.28 -20.54
CA PRO A 47 -18.29 -1.68 -21.83
C PRO A 47 -17.67 -0.28 -21.76
N GLU A 48 -18.14 0.57 -20.84
CA GLU A 48 -17.52 1.90 -20.66
C GLU A 48 -16.13 1.84 -20.05
N TRP A 49 -15.92 0.91 -19.12
CA TRP A 49 -14.58 0.65 -18.56
C TRP A 49 -13.60 0.21 -19.67
N ALA A 50 -14.06 -0.67 -20.54
CA ALA A 50 -13.24 -1.15 -21.65
C ALA A 50 -12.93 0.01 -22.59
N ALA A 51 -13.92 0.88 -22.84
CA ALA A 51 -13.71 1.98 -23.81
C ALA A 51 -12.71 2.99 -23.24
N ALA A 52 -12.87 3.32 -21.97
CA ALA A 52 -11.94 4.19 -21.28
C ALA A 52 -10.55 3.59 -21.32
N ALA A 53 -10.46 2.28 -21.08
CA ALA A 53 -9.16 1.59 -21.06
C ALA A 53 -8.43 1.69 -22.39
N SER A 54 -9.17 1.66 -23.51
CA SER A 54 -8.57 1.84 -24.84
C SER A 54 -8.04 3.21 -25.04
N GLU A 55 -8.79 4.22 -24.59
CA GLU A 55 -8.37 5.59 -24.80
C GLU A 55 -7.18 5.89 -23.92
N VAL A 56 -7.20 5.42 -22.68
CA VAL A 56 -6.07 5.61 -21.76
C VAL A 56 -4.80 4.96 -22.27
N LYS A 57 -4.91 3.75 -22.80
CA LYS A 57 -3.79 3.06 -23.40
C LYS A 57 -3.22 3.92 -24.57
N GLU A 58 -4.10 4.46 -25.42
CA GLU A 58 -3.65 5.31 -26.53
C GLU A 58 -2.95 6.60 -26.06
N GLN A 59 -3.56 7.30 -25.10
CA GLN A 59 -3.02 8.53 -24.56
C GLN A 59 -1.72 8.36 -23.75
N THR A 60 -1.62 7.29 -22.94
CA THR A 60 -0.50 7.17 -21.97
C THR A 60 0.52 6.08 -22.31
N LYS A 61 0.21 5.30 -23.34
CA LYS A 61 1.03 4.17 -23.76
C LYS A 61 1.30 3.20 -22.60
N GLY A 62 0.31 3.03 -21.73
CA GLY A 62 0.41 2.12 -20.59
C GLY A 62 1.03 2.66 -19.32
N LYS A 63 1.36 3.96 -19.29
CA LYS A 63 1.83 4.55 -18.04
C LYS A 63 0.69 4.59 -17.02
N VAL A 64 -0.53 4.64 -17.53
CA VAL A 64 -1.70 4.42 -16.68
C VAL A 64 -2.38 3.19 -17.24
N LYS A 65 -2.75 2.27 -16.36
CA LYS A 65 -3.43 1.04 -16.75
C LYS A 65 -4.80 0.93 -16.06
N LEU A 66 -5.80 0.41 -16.77
CA LEU A 66 -7.11 0.10 -16.15
C LEU A 66 -7.18 -1.41 -15.95
N ALA A 67 -7.74 -1.83 -14.83
CA ALA A 67 -7.73 -3.24 -14.47
C ALA A 67 -9.03 -3.55 -13.77
N ALA A 68 -9.27 -4.85 -13.52
CA ALA A 68 -10.45 -5.23 -12.78
C ALA A 68 -10.11 -6.42 -11.86
N VAL A 69 -10.82 -6.46 -10.73
CA VAL A 69 -10.70 -7.58 -9.78
C VAL A 69 -12.11 -8.06 -9.41
N ASP A 70 -12.34 -9.36 -9.56
CA ASP A 70 -13.59 -9.94 -9.08
C ASP A 70 -13.38 -10.14 -7.60
N ALA A 71 -13.96 -9.27 -6.77
CA ALA A 71 -13.75 -9.27 -5.34
C ALA A 71 -14.24 -10.57 -4.69
N THR A 72 -15.27 -11.18 -5.30
CA THR A 72 -15.89 -12.41 -4.73
C THR A 72 -14.99 -13.65 -4.75
N VAL A 73 -13.99 -13.66 -5.61
CA VAL A 73 -13.03 -14.76 -5.72
C VAL A 73 -11.59 -14.34 -5.45
N ASN A 74 -11.42 -13.11 -4.98
CA ASN A 74 -10.13 -12.58 -4.59
C ASN A 74 -10.30 -11.89 -3.26
N GLN A 75 -10.59 -12.68 -2.24
CA GLN A 75 -10.99 -12.18 -0.93
C GLN A 75 -9.85 -11.61 -0.07
N VAL A 76 -8.59 -12.00 -0.35
CA VAL A 76 -7.45 -11.36 0.32
C VAL A 76 -7.43 -9.87 -0.09
N LEU A 77 -7.59 -9.59 -1.37
CA LEU A 77 -7.63 -8.20 -1.84
C LEU A 77 -8.87 -7.47 -1.33
N ALA A 78 -10.01 -8.15 -1.41
CA ALA A 78 -11.27 -7.53 -0.95
C ALA A 78 -11.13 -7.11 0.53
N SER A 79 -10.53 -7.95 1.37
CA SER A 79 -10.32 -7.63 2.77
C SER A 79 -9.30 -6.50 2.93
N ARG A 80 -8.18 -6.61 2.24
CA ARG A 80 -7.11 -5.63 2.36
C ARG A 80 -7.60 -4.23 2.07
N TYR A 81 -8.39 -4.07 1.00
CA TYR A 81 -8.77 -2.72 0.56
C TYR A 81 -10.19 -2.34 1.04
N GLY A 82 -10.75 -3.16 1.93
CA GLY A 82 -12.04 -2.85 2.62
C GLY A 82 -13.19 -2.68 1.65
N ILE A 83 -13.27 -3.59 0.67
CA ILE A 83 -14.28 -3.47 -0.36
C ILE A 83 -15.62 -3.80 0.28
N ARG A 84 -16.50 -2.84 0.35
CA ARG A 84 -17.78 -3.15 1.02
C ARG A 84 -18.96 -2.95 0.12
N GLY A 85 -18.70 -2.61 -1.13
CA GLY A 85 -19.75 -2.37 -2.11
C GLY A 85 -19.18 -2.36 -3.52
N PHE A 86 -20.07 -2.51 -4.51
CA PHE A 86 -19.68 -2.65 -5.92
C PHE A 86 -20.53 -1.75 -6.79
N PRO A 87 -19.93 -1.24 -7.89
CA PRO A 87 -18.49 -1.39 -8.16
C PRO A 87 -17.72 -0.38 -7.31
N THR A 88 -16.46 -0.65 -7.01
CA THR A 88 -15.62 0.30 -6.29
C THR A 88 -14.39 0.47 -7.14
N ILE A 89 -14.06 1.70 -7.57
CA ILE A 89 -12.83 1.91 -8.35
C ILE A 89 -11.76 2.56 -7.47
N LYS A 90 -10.59 1.92 -7.39
CA LYS A 90 -9.50 2.39 -6.56
C LYS A 90 -8.30 2.74 -7.42
N ILE A 91 -7.63 3.82 -7.06
CA ILE A 91 -6.50 4.27 -7.85
C ILE A 91 -5.19 4.03 -7.07
N PHE A 92 -4.23 3.38 -7.71
CA PHE A 92 -2.98 3.00 -7.04
C PHE A 92 -1.82 3.71 -7.70
N GLN A 93 -1.08 4.45 -6.90
CA GLN A 93 0.21 4.99 -7.33
C GLN A 93 1.35 4.39 -6.48
N LYS A 94 2.54 4.33 -7.07
CA LYS A 94 3.72 3.73 -6.45
C LYS A 94 3.93 4.15 -4.99
N GLY A 95 4.04 3.16 -4.10
CA GLY A 95 4.33 3.40 -2.67
C GLY A 95 3.21 4.02 -1.84
N GLU A 96 2.03 4.20 -2.44
CA GLU A 96 0.86 4.81 -1.75
C GLU A 96 -0.29 3.84 -1.51
N SER A 97 -1.16 4.18 -0.55
CA SER A 97 -2.44 3.48 -0.36
C SER A 97 -3.38 3.95 -1.45
N PRO A 98 -4.30 3.08 -1.87
CA PRO A 98 -5.18 3.52 -2.94
C PRO A 98 -6.14 4.63 -2.51
N VAL A 99 -6.62 5.42 -3.47
CA VAL A 99 -7.69 6.39 -3.25
C VAL A 99 -8.90 6.03 -4.09
N ASP A 100 -10.09 6.40 -3.63
CA ASP A 100 -11.28 6.09 -4.36
C ASP A 100 -11.47 7.07 -5.51
N TYR A 101 -11.92 6.58 -6.64
CA TYR A 101 -12.27 7.43 -7.78
C TYR A 101 -13.64 8.07 -7.48
N ASP A 102 -13.74 9.38 -7.67
CA ASP A 102 -14.99 10.03 -7.28
CA ASP A 102 -14.90 10.15 -7.26
C ASP A 102 -15.70 10.67 -8.47
N GLY A 103 -15.44 10.16 -9.68
CA GLY A 103 -16.12 10.70 -10.87
C GLY A 103 -17.12 9.76 -11.53
N GLY A 104 -17.59 10.16 -12.72
CA GLY A 104 -18.58 9.39 -13.44
C GLY A 104 -17.96 8.34 -14.33
N ARG A 105 -18.81 7.56 -14.98
CA ARG A 105 -18.36 6.50 -15.89
C ARG A 105 -18.24 6.94 -17.35
N THR A 106 -18.43 8.22 -17.65
CA THR A 106 -18.19 8.65 -19.02
C THR A 106 -16.70 8.45 -19.33
N ARG A 107 -16.42 8.27 -20.60
CA ARG A 107 -15.06 8.14 -21.06
C ARG A 107 -14.29 9.39 -20.67
N SER A 108 -14.86 10.58 -20.89
CA SER A 108 -14.18 11.84 -20.59
C SER A 108 -13.83 11.94 -19.10
N ASP A 109 -14.71 11.45 -18.22
CA ASP A 109 -14.47 11.56 -16.77
C ASP A 109 -13.27 10.66 -16.40
N ILE A 110 -13.34 9.40 -16.83
CA ILE A 110 -12.28 8.44 -16.50
C ILE A 110 -10.94 8.84 -17.12
N VAL A 111 -10.97 9.21 -18.40
CA VAL A 111 -9.77 9.67 -19.10
C VAL A 111 -9.18 10.95 -18.47
N SER A 112 -10.04 11.86 -18.02
CA SER A 112 -9.56 13.04 -17.29
C SER A 112 -8.76 12.67 -16.05
N ARG A 113 -9.32 11.75 -15.25
CA ARG A 113 -8.61 11.32 -14.05
C ARG A 113 -7.27 10.67 -14.46
N ALA A 114 -7.31 9.82 -15.49
CA ALA A 114 -6.11 9.13 -15.95
C ALA A 114 -5.02 10.09 -16.39
N LEU A 115 -5.39 11.13 -17.12
CA LEU A 115 -4.38 12.11 -17.59
C LEU A 115 -3.78 12.94 -16.43
N ASP A 116 -4.60 13.29 -15.46
CA ASP A 116 -4.19 13.93 -14.19
C ASP A 116 -3.12 13.07 -13.50
N LEU A 117 -3.38 11.76 -13.42
CA LEU A 117 -2.43 10.82 -12.85
C LEU A 117 -1.17 10.71 -13.67
N PHE A 118 -1.30 10.76 -14.98
CA PHE A 118 -0.17 10.63 -15.88
C PHE A 118 0.71 11.86 -15.69
N SER A 119 0.10 13.04 -15.65
CA SER A 119 0.86 14.29 -15.58
C SER A 119 1.83 14.29 -14.41
N ASP A 120 1.36 13.81 -13.25
CA ASP A 120 2.12 13.81 -12.01
C ASP A 120 2.94 12.55 -11.71
N ASN A 121 2.83 11.52 -12.56
CA ASN A 121 3.54 10.26 -12.28
C ASN A 121 4.74 10.09 -13.17
N LYS B 9 14.67 -8.78 18.63
CA LYS B 9 14.11 -9.61 19.75
C LYS B 9 12.56 -9.62 19.75
N ASP B 10 11.96 -8.51 20.17
CA ASP B 10 10.55 -8.22 19.88
C ASP B 10 10.42 -7.44 18.56
N VAL B 11 11.55 -7.21 17.89
CA VAL B 11 11.52 -6.56 16.58
C VAL B 11 11.35 -7.63 15.51
N ILE B 12 10.27 -7.53 14.75
CA ILE B 12 9.97 -8.52 13.69
C ILE B 12 10.84 -8.23 12.47
N GLU B 13 11.60 -9.20 12.00
CA GLU B 13 12.44 -9.03 10.80
C GLU B 13 11.59 -9.35 9.58
N LEU B 14 11.47 -8.41 8.67
CA LEU B 14 10.65 -8.60 7.46
C LEU B 14 11.50 -8.60 6.19
N THR B 15 11.01 -9.28 5.16
CA THR B 15 11.75 -9.39 3.88
C THR B 15 10.82 -9.14 2.71
N ASP B 16 11.38 -9.06 1.51
CA ASP B 16 10.61 -8.92 0.28
C ASP B 16 9.56 -10.02 0.22
N ASP B 17 9.88 -11.18 0.78
CA ASP B 17 8.99 -12.37 0.69
C ASP B 17 7.86 -12.34 1.72
N SER B 18 8.14 -11.83 2.92
CA SER B 18 7.20 -11.89 4.05
C SER B 18 6.39 -10.63 4.32
N PHE B 19 6.81 -9.51 3.74
CA PHE B 19 6.19 -8.23 4.05
C PHE B 19 4.70 -8.15 3.75
N ASP B 20 4.27 -8.55 2.55
CA ASP B 20 2.90 -8.26 2.13
C ASP B 20 1.89 -9.04 2.98
N LYS B 21 2.21 -10.30 3.22
CA LYS B 21 1.33 -11.17 4.04
C LYS B 21 1.27 -10.69 5.50
N ASN B 22 2.40 -10.24 6.01
CA ASN B 22 2.48 -9.80 7.41
C ASN B 22 1.93 -8.42 7.67
N VAL B 23 2.27 -7.47 6.79
CA VAL B 23 1.94 -6.07 7.00
C VAL B 23 0.68 -5.71 6.23
N LEU B 24 0.65 -5.95 4.91
CA LEU B 24 -0.46 -5.39 4.13
C LEU B 24 -1.78 -6.11 4.43
N ASP B 25 -1.70 -7.39 4.75
CA ASP B 25 -2.91 -8.22 5.00
C ASP B 25 -3.30 -8.24 6.49
N SER B 26 -2.74 -7.32 7.26
CA SER B 26 -2.88 -7.28 8.73
C SER B 26 -3.95 -6.29 9.18
N GLU B 27 -4.52 -6.55 10.36
CA GLU B 27 -5.39 -5.56 11.01
C GLU B 27 -4.58 -4.64 11.94
N ASP B 28 -3.31 -4.98 12.17
CA ASP B 28 -2.45 -4.23 13.10
C ASP B 28 -1.73 -3.05 12.43
N VAL B 29 -1.28 -2.08 13.23
CA VAL B 29 -0.47 -1.00 12.73
C VAL B 29 0.98 -1.47 12.79
N TRP B 30 1.76 -1.22 11.75
CA TRP B 30 3.18 -1.59 11.73
C TRP B 30 4.09 -0.32 11.64
N MET B 31 5.10 -0.23 12.49
CA MET B 31 6.14 0.80 12.37
C MET B 31 7.38 0.07 11.91
N VAL B 32 7.85 0.38 10.70
CA VAL B 32 8.91 -0.44 10.07
C VAL B 32 10.15 0.43 9.84
N GLU B 33 11.28 0.01 10.40
CA GLU B 33 12.55 0.72 10.23
C GLU B 33 13.28 0.08 9.04
N PHE B 34 13.45 0.85 7.97
CA PHE B 34 14.27 0.45 6.82
C PHE B 34 15.68 0.95 7.08
N TYR B 35 16.61 0.02 7.18
CA TYR B 35 18.00 0.36 7.52
C TYR B 35 19.00 -0.26 6.55
N ALA B 36 20.27 0.16 6.67
CA ALA B 36 21.39 -0.44 5.92
C ALA B 36 22.44 -0.90 6.94
N PRO B 37 23.13 -2.02 6.65
CA PRO B 37 23.98 -2.60 7.69
C PRO B 37 25.19 -1.71 8.08
N TRP B 38 25.59 -0.77 7.23
CA TRP B 38 26.78 0.06 7.54
C TRP B 38 26.47 1.34 8.29
N CYS B 39 25.19 1.63 8.51
CA CYS B 39 24.76 2.97 8.90
C CYS B 39 24.93 3.22 10.39
N GLY B 40 25.80 4.20 10.71
CA GLY B 40 26.06 4.64 12.08
C GLY B 40 24.81 5.03 12.87
N HIS B 41 23.97 5.88 12.30
CA HIS B 41 22.69 6.25 12.90
C HIS B 41 21.82 5.01 13.16
N CYS B 42 21.80 4.09 12.18
CA CYS B 42 21.05 2.84 12.33
C CYS B 42 21.55 1.96 13.49
N LYS B 43 22.88 1.83 13.63
CA LYS B 43 23.46 1.02 14.71
C LYS B 43 23.12 1.56 16.12
N ASN B 44 23.20 2.89 16.27
CA ASN B 44 22.80 3.58 17.52
C ASN B 44 21.29 3.44 17.86
N LEU B 45 20.46 3.38 16.83
CA LEU B 45 19.02 3.26 16.99
C LEU B 45 18.60 1.84 17.37
N GLU B 46 19.39 0.83 16.97
CA GLU B 46 19.00 -0.58 17.13
C GLU B 46 18.56 -0.96 18.55
N PRO B 47 19.38 -0.62 19.59
CA PRO B 47 18.97 -0.99 20.94
C PRO B 47 17.73 -0.23 21.40
N GLU B 48 17.60 1.04 21.01
CA GLU B 48 16.40 1.87 21.37
C GLU B 48 15.15 1.39 20.62
N TRP B 49 15.32 1.00 19.35
CA TRP B 49 14.24 0.39 18.56
C TRP B 49 13.75 -0.89 19.24
N ALA B 50 14.70 -1.71 19.70
CA ALA B 50 14.35 -2.96 20.33
C ALA B 50 13.67 -2.72 21.70
N ALA B 51 14.16 -1.74 22.46
CA ALA B 51 13.51 -1.37 23.74
C ALA B 51 12.09 -0.85 23.50
N ALA B 52 11.92 -0.02 22.48
CA ALA B 52 10.60 0.48 22.15
C ALA B 52 9.70 -0.66 21.73
N ALA B 53 10.24 -1.61 20.96
CA ALA B 53 9.43 -2.75 20.49
C ALA B 53 8.89 -3.58 21.65
N SER B 54 9.72 -3.84 22.68
CA SER B 54 9.27 -4.54 23.90
C SER B 54 8.16 -3.79 24.64
N GLU B 55 8.31 -2.49 24.78
CA GLU B 55 7.30 -1.70 25.48
C GLU B 55 5.98 -1.64 24.69
N VAL B 56 6.08 -1.46 23.36
CA VAL B 56 4.88 -1.38 22.52
C VAL B 56 4.13 -2.70 22.56
N LYS B 57 4.89 -3.79 22.56
CA LYS B 57 4.31 -5.13 22.63
C LYS B 57 3.54 -5.31 23.95
N GLU B 58 4.16 -4.95 25.07
CA GLU B 58 3.49 -4.93 26.39
C GLU B 58 2.22 -4.08 26.40
N GLN B 59 2.32 -2.83 25.96
CA GLN B 59 1.26 -1.85 26.11
C GLN B 59 0.09 -2.07 25.13
N THR B 60 0.38 -2.60 23.94
CA THR B 60 -0.66 -2.77 22.92
C THR B 60 -1.04 -4.23 22.72
N LYS B 61 -0.33 -5.13 23.37
CA LYS B 61 -0.51 -6.57 23.21
C LYS B 61 -0.46 -6.98 21.71
N GLY B 62 0.38 -6.27 20.95
CA GLY B 62 0.57 -6.59 19.55
C GLY B 62 -0.31 -5.88 18.54
N LYS B 63 -1.21 -4.99 18.97
CA LYS B 63 -2.07 -4.25 18.02
CA LYS B 63 -2.05 -4.27 18.01
C LYS B 63 -1.19 -3.29 17.19
N VAL B 64 -0.08 -2.86 17.80
CA VAL B 64 0.94 -2.12 17.04
C VAL B 64 2.20 -2.98 17.09
N LYS B 65 2.92 -3.11 15.97
CA LYS B 65 4.13 -3.93 15.90
C LYS B 65 5.27 -3.10 15.34
N LEU B 66 6.47 -3.35 15.85
CA LEU B 66 7.69 -2.70 15.35
C LEU B 66 8.45 -3.74 14.58
N ALA B 67 8.96 -3.35 13.42
CA ALA B 67 9.64 -4.26 12.53
C ALA B 67 10.87 -3.59 11.91
N ALA B 68 11.69 -4.39 11.21
CA ALA B 68 12.87 -3.83 10.55
C ALA B 68 13.06 -4.58 9.23
N VAL B 69 13.53 -3.84 8.23
CA VAL B 69 13.84 -4.42 6.90
C VAL B 69 15.26 -3.92 6.52
N ASP B 70 16.16 -4.83 6.17
CA ASP B 70 17.46 -4.41 5.62
C ASP B 70 17.25 -4.07 4.16
N ALA B 71 17.20 -2.77 3.86
CA ALA B 71 16.84 -2.34 2.52
C ALA B 71 17.77 -2.89 1.43
N THR B 72 19.05 -3.07 1.77
CA THR B 72 20.08 -3.47 0.79
C THR B 72 19.82 -4.81 0.15
N VAL B 73 19.14 -5.71 0.87
CA VAL B 73 18.87 -7.05 0.34
C VAL B 73 17.37 -7.34 0.26
N ASN B 74 16.58 -6.26 0.28
CA ASN B 74 15.13 -6.31 0.08
C ASN B 74 14.79 -5.18 -0.87
N GLN B 75 15.24 -5.37 -2.10
CA GLN B 75 15.20 -4.30 -3.10
C GLN B 75 13.83 -4.09 -3.71
N VAL B 76 12.96 -5.10 -3.62
CA VAL B 76 11.58 -4.91 -4.05
C VAL B 76 10.91 -3.87 -3.14
N LEU B 77 11.09 -4.04 -1.83
CA LEU B 77 10.49 -3.11 -0.86
C LEU B 77 11.20 -1.76 -0.95
N ALA B 78 12.53 -1.78 -1.10
CA ALA B 78 13.28 -0.50 -1.13
C ALA B 78 12.81 0.34 -2.30
N SER B 79 12.62 -0.30 -3.46
CA SER B 79 12.08 0.38 -4.62
C SER B 79 10.63 0.83 -4.40
N ARG B 80 9.81 -0.08 -3.93
CA ARG B 80 8.38 0.23 -3.78
C ARG B 80 8.14 1.46 -2.89
N TYR B 81 8.81 1.55 -1.74
CA TYR B 81 8.55 2.63 -0.82
C TYR B 81 9.56 3.79 -0.95
N GLY B 82 10.33 3.77 -2.03
CA GLY B 82 11.18 4.90 -2.41
C GLY B 82 12.20 5.23 -1.32
N ILE B 83 12.84 4.19 -0.79
CA ILE B 83 13.81 4.35 0.29
C ILE B 83 15.04 5.05 -0.25
N ARG B 84 15.27 6.26 0.24
CA ARG B 84 16.30 7.16 -0.31
C ARG B 84 17.42 7.41 0.67
N GLY B 85 17.23 6.99 1.91
CA GLY B 85 18.14 7.30 2.99
C GLY B 85 17.84 6.48 4.22
N PHE B 86 18.79 6.47 5.15
CA PHE B 86 18.68 5.59 6.31
C PHE B 86 19.01 6.34 7.56
N PRO B 87 18.37 5.96 8.67
CA PRO B 87 17.21 5.07 8.70
C PRO B 87 15.97 5.78 8.14
N THR B 88 15.00 5.02 7.64
CA THR B 88 13.72 5.58 7.22
C THR B 88 12.70 4.72 7.96
N ILE B 89 11.88 5.35 8.78
CA ILE B 89 10.86 4.66 9.53
C ILE B 89 9.51 5.02 8.91
N LYS B 90 8.76 4.00 8.54
CA LYS B 90 7.50 4.16 7.84
C LYS B 90 6.38 3.50 8.65
N ILE B 91 5.21 4.15 8.67
CA ILE B 91 4.06 3.66 9.41
C ILE B 91 3.00 3.14 8.46
N PHE B 92 2.58 1.90 8.66
CA PHE B 92 1.60 1.24 7.80
C PHE B 92 0.34 0.99 8.60
N GLN B 93 -0.76 1.58 8.17
CA GLN B 93 -2.08 1.34 8.82
C GLN B 93 -3.20 1.14 7.80
N GLU B 96 -4.96 3.89 4.85
CA GLU B 96 -4.16 5.11 4.90
C GLU B 96 -2.74 4.90 4.32
N SER B 97 -2.22 5.91 3.61
CA SER B 97 -0.92 5.80 2.95
C SER B 97 0.18 5.63 3.96
N PRO B 98 1.19 4.79 3.65
CA PRO B 98 2.35 4.72 4.55
C PRO B 98 2.91 6.11 4.77
N VAL B 99 3.20 6.45 6.02
CA VAL B 99 3.71 7.78 6.30
C VAL B 99 5.04 7.69 7.03
N ASP B 100 5.91 8.67 6.78
CA ASP B 100 7.21 8.72 7.43
C ASP B 100 7.05 9.06 8.91
N TYR B 101 7.76 8.36 9.77
CA TYR B 101 7.81 8.76 11.15
C TYR B 101 8.95 9.77 11.28
N ASP B 102 8.56 11.00 11.65
CA ASP B 102 9.47 12.14 11.75
C ASP B 102 9.82 12.51 13.20
N GLY B 103 9.33 11.75 14.16
CA GLY B 103 9.55 12.08 15.56
C GLY B 103 10.98 11.84 16.03
N GLY B 104 11.22 12.14 17.29
CA GLY B 104 12.49 11.78 17.91
C GLY B 104 12.73 10.28 17.91
N ARG B 105 13.97 9.90 18.17
CA ARG B 105 14.37 8.52 18.14
C ARG B 105 14.54 7.86 19.52
N THR B 106 14.07 8.52 20.57
CA THR B 106 14.10 7.89 21.90
C THR B 106 12.99 6.84 22.05
N ARG B 107 13.22 5.83 22.91
CA ARG B 107 12.18 4.85 23.29
C ARG B 107 10.85 5.56 23.61
N SER B 108 10.92 6.58 24.47
CA SER B 108 9.73 7.31 24.87
C SER B 108 9.00 7.95 23.69
N ASP B 109 9.75 8.59 22.79
CA ASP B 109 9.19 9.27 21.61
C ASP B 109 8.51 8.25 20.69
N ILE B 110 9.16 7.12 20.49
CA ILE B 110 8.65 6.10 19.57
C ILE B 110 7.40 5.46 20.16
N VAL B 111 7.46 5.18 21.46
CA VAL B 111 6.34 4.60 22.17
C VAL B 111 5.11 5.55 22.18
N SER B 112 5.35 6.85 22.40
CA SER B 112 4.24 7.83 22.42
C SER B 112 3.54 7.85 21.08
N ARG B 113 4.33 7.79 20.00
CA ARG B 113 3.71 7.73 18.68
C ARG B 113 2.97 6.41 18.45
N ALA B 114 3.57 5.29 18.89
CA ALA B 114 2.90 3.99 18.76
C ALA B 114 1.54 3.95 19.48
N LEU B 115 1.49 4.55 20.67
CA LEU B 115 0.26 4.59 21.44
C LEU B 115 -0.81 5.48 20.78
N ASP B 116 -0.38 6.58 20.14
CA ASP B 116 -1.35 7.40 19.41
C ASP B 116 -1.92 6.59 18.25
N LEU B 117 -1.07 5.83 17.59
CA LEU B 117 -1.52 5.00 16.47
C LEU B 117 -2.50 3.95 16.93
N PHE B 118 -2.24 3.39 18.10
CA PHE B 118 -3.09 2.37 18.71
C PHE B 118 -4.49 2.93 18.96
N SER B 119 -4.56 4.13 19.52
CA SER B 119 -5.86 4.72 19.87
C SER B 119 -6.57 5.33 18.66
N ASP B 120 -5.80 5.79 17.68
CA ASP B 120 -6.34 6.49 16.54
C ASP B 120 -6.86 5.47 15.51
N ASN B 121 -6.32 4.25 15.58
CA ASN B 121 -6.84 3.12 14.82
C ASN B 121 -7.74 2.23 15.69
#